data_5YIC
#
_entry.id   5YIC
#
_cell.length_a   106.500
_cell.length_b   106.500
_cell.length_c   71.000
_cell.angle_alpha   90.00
_cell.angle_beta   90.00
_cell.angle_gamma   90.00
#
_symmetry.space_group_name_H-M   'I 4'
#
loop_
_entity.id
_entity.type
_entity.pdbx_description
1 polymer 'Plasmepsin II'
2 non-polymer (4R)-3-[(2S,3S)-3-[[(2R)-2-[2-(4-aminophenyl)ethanoylamino]-3-methylsulfanyl-propanoyl]amino]-2-oxidanyl-4-phenyl-butanoyl]-5,5-dimethyl-N-[(1S,2R)-2-oxidanyl-2,3-dihydro-1H-inden-1-yl]-1,3-thiazolidine-4-carboxamide
3 non-polymer 3-[(3-CHOLAMIDOPROPYL)DIMETHYLAMMONIO]-1-PROPANESULFONATE
4 non-polymer GLYCEROL
5 water water
#
_entity_poly.entity_id   1
_entity_poly.type   'polypeptide(L)'
_entity_poly.pdbx_seq_one_letter_code
;SNDNIELVDFQNIMFYGDAEVGDNQQPFTFILDTGSANLWVPSVKCTTAGCLTKHLYDSSKSRTYEKDGTKVEMNYVSGT
VSGFFSKDLVTVGNLSLPYKFIEVIDTNGFEPTYTASTFDGILGLGWKDLSIGSVDPIVVELKNQNKIENALFTFYLPVH
DKHTGFLTIGGIEERFYEGPLTYEKLNHDLYWQITLDAHVGNIMLEKANCIVDSGTSAITVPTDFLNKMLQNLDVIKVPF
LPFYVTLCNNSKLPTFEFTSENGKYTLEPEYYLQHIEDVGPGLCMLNIIGLDFPVPTFILGDPFMRKYFTVFDYDNQSVG
IALAKKNL
;
_entity_poly.pdbx_strand_id   A
#
loop_
_chem_comp.id
_chem_comp.type
_chem_comp.name
_chem_comp.formula
8VO non-polymer (4R)-3-[(2S,3S)-3-[[(2R)-2-[2-(4-aminophenyl)ethanoylamino]-3-methylsulfanyl-propanoyl]amino]-2-oxidanyl-4-phenyl-butanoyl]-5,5-dimethyl-N-[(1S,2R)-2-oxidanyl-2,3-dihydro-1H-inden-1-yl]-1,3-thiazolidine-4-carboxamide 'C37 H45 N5 O6 S2'
CPS non-polymer 3-[(3-CHOLAMIDOPROPYL)DIMETHYLAMMONIO]-1-PROPANESULFONATE 'C32 H58 N2 O7 S'
GOL non-polymer GLYCEROL 'C3 H8 O3'
#
# COMPACT_ATOMS: atom_id res chain seq x y z
N SER A 1 21.64 -1.35 -11.93
CA SER A 1 22.04 -1.78 -10.54
C SER A 1 20.88 -1.85 -9.53
N ASN A 2 19.82 -1.05 -9.71
CA ASN A 2 18.56 -1.25 -8.96
C ASN A 2 17.55 -2.09 -9.73
N ASP A 3 16.67 -2.74 -8.98
CA ASP A 3 15.63 -3.62 -9.51
C ASP A 3 14.31 -2.84 -9.58
N ASN A 4 13.86 -2.49 -10.79
CA ASN A 4 12.65 -1.66 -10.99
C ASN A 4 11.51 -2.53 -11.45
N ILE A 5 10.45 -2.63 -10.62
CA ILE A 5 9.24 -3.41 -10.91
CA ILE A 5 9.27 -3.43 -10.99
C ILE A 5 8.12 -2.45 -11.35
N GLU A 6 7.60 -2.62 -12.56
CA GLU A 6 6.57 -1.73 -13.09
C GLU A 6 5.26 -1.86 -12.32
N LEU A 7 4.61 -0.73 -12.03
CA LEU A 7 3.34 -0.65 -11.32
C LEU A 7 2.25 -0.19 -12.25
N VAL A 8 1.14 -0.92 -12.25
CA VAL A 8 -0.02 -0.62 -13.10
C VAL A 8 -1.16 -0.17 -12.23
N ASP A 9 -1.83 0.90 -12.66
CA ASP A 9 -3.03 1.39 -11.97
C ASP A 9 -4.25 0.51 -12.26
N PHE A 10 -5.16 0.38 -11.28
CA PHE A 10 -6.45 -0.31 -11.48
C PHE A 10 -7.55 0.66 -11.08
N GLN A 11 -8.27 1.17 -12.08
CA GLN A 11 -9.43 2.06 -11.92
C GLN A 11 -9.21 3.28 -11.00
N ASN A 12 -7.99 3.82 -11.07
CA ASN A 12 -7.52 4.91 -10.21
C ASN A 12 -7.67 4.74 -8.69
N ILE A 13 -7.89 3.50 -8.23
CA ILE A 13 -8.12 3.22 -6.80
C ILE A 13 -6.86 2.56 -6.20
N MET A 14 -6.35 1.53 -6.86
CA MET A 14 -5.19 0.80 -6.38
C MET A 14 -4.19 0.58 -7.52
N PHE A 15 -3.11 -0.11 -7.21
CA PHE A 15 -2.09 -0.39 -8.21
C PHE A 15 -1.53 -1.76 -7.86
N TYR A 16 -0.96 -2.42 -8.87
CA TYR A 16 -0.37 -3.75 -8.69
C TYR A 16 0.98 -3.85 -9.33
N GLY A 17 1.74 -4.84 -8.87
CA GLY A 17 2.95 -5.27 -9.53
C GLY A 17 3.01 -6.79 -9.66
N ASP A 18 3.78 -7.26 -10.61
CA ASP A 18 3.87 -8.68 -10.85
C ASP A 18 5.12 -9.24 -10.22
N ALA A 19 5.02 -10.49 -9.76
CA ALA A 19 6.21 -11.23 -9.36
C ALA A 19 5.95 -12.72 -9.60
N GLU A 20 7.00 -13.53 -9.50
CA GLU A 20 6.87 -14.94 -9.77
C GLU A 20 7.29 -15.76 -8.58
N VAL A 21 6.67 -16.94 -8.51
CA VAL A 21 6.94 -17.94 -7.49
C VAL A 21 7.16 -19.28 -8.22
N GLY A 22 8.18 -20.03 -7.84
CA GLY A 22 8.46 -21.30 -8.49
C GLY A 22 9.48 -21.17 -9.61
N ASP A 23 10.21 -22.26 -9.85
CA ASP A 23 11.23 -22.32 -10.93
C ASP A 23 10.63 -22.32 -12.33
N ASN A 24 9.35 -22.67 -12.44
CA ASN A 24 8.65 -22.59 -13.74
C ASN A 24 8.04 -21.21 -13.96
N GLN A 25 8.34 -20.26 -13.07
CA GLN A 25 8.01 -18.84 -13.24
C GLN A 25 6.51 -18.68 -13.38
N GLN A 26 5.81 -19.23 -12.41
CA GLN A 26 4.36 -19.07 -12.36
C GLN A 26 4.10 -17.56 -12.05
N PRO A 27 3.38 -16.84 -12.95
CA PRO A 27 3.17 -15.39 -12.85
C PRO A 27 1.97 -14.96 -11.98
N PHE A 28 2.20 -14.01 -11.06
CA PHE A 28 1.14 -13.47 -10.20
C PHE A 28 1.12 -11.96 -10.14
N THR A 29 -0.07 -11.41 -9.95
CA THR A 29 -0.26 -9.98 -9.73
C THR A 29 -0.51 -9.75 -8.25
N PHE A 30 0.22 -8.78 -7.68
CA PHE A 30 0.20 -8.53 -6.25
C PHE A 30 -0.20 -7.11 -5.94
N ILE A 31 -1.00 -6.95 -4.89
CA ILE A 31 -1.00 -5.71 -4.10
C ILE A 31 0.33 -5.69 -3.34
N LEU A 32 1.00 -4.56 -3.40
CA LEU A 32 2.27 -4.35 -2.73
C LEU A 32 1.95 -3.47 -1.52
N ASP A 33 2.08 -4.10 -0.34
CA ASP A 33 1.60 -3.51 0.89
C ASP A 33 2.71 -3.26 1.93
N THR A 34 3.08 -2.01 2.08
CA THR A 34 4.06 -1.63 3.10
C THR A 34 3.57 -1.88 4.54
N GLY A 35 2.24 -2.03 4.73
CA GLY A 35 1.64 -2.30 6.02
C GLY A 35 1.55 -3.72 6.49
N SER A 36 2.08 -4.67 5.73
CA SER A 36 2.10 -6.07 6.17
C SER A 36 3.40 -6.70 5.75
N ALA A 37 3.64 -7.92 6.20
CA ALA A 37 4.99 -8.47 6.08
C ALA A 37 5.00 -9.93 5.71
N ASN A 38 3.95 -10.38 5.03
CA ASN A 38 3.85 -11.72 4.50
C ASN A 38 3.48 -11.65 3.02
N LEU A 39 4.03 -12.60 2.28
CA LEU A 39 3.68 -12.84 0.88
C LEU A 39 2.69 -13.98 0.83
N TRP A 40 1.66 -13.86 0.03
CA TRP A 40 0.80 -15.01 -0.24
C TRP A 40 0.30 -15.07 -1.66
N VAL A 41 0.09 -16.31 -2.14
CA VAL A 41 -0.49 -16.56 -3.45
C VAL A 41 -1.60 -17.58 -3.26
N PRO A 42 -2.68 -17.48 -4.09
CA PRO A 42 -3.72 -18.48 -4.04
C PRO A 42 -3.21 -19.79 -4.66
N SER A 43 -3.59 -20.90 -4.05
CA SER A 43 -3.14 -22.25 -4.47
C SER A 43 -4.11 -22.91 -5.43
N VAL A 44 -3.60 -23.81 -6.27
CA VAL A 44 -4.45 -24.72 -7.03
C VAL A 44 -5.35 -25.54 -6.08
N LYS A 45 -4.93 -25.68 -4.82
CA LYS A 45 -5.73 -26.35 -3.77
C LYS A 45 -6.86 -25.51 -3.17
N CYS A 46 -7.00 -24.27 -3.63
CA CYS A 46 -8.05 -23.38 -3.16
C CYS A 46 -9.43 -23.95 -3.42
N THR A 47 -10.32 -23.81 -2.43
CA THR A 47 -11.64 -24.43 -2.46
C THR A 47 -12.77 -23.43 -2.66
N THR A 48 -12.43 -22.18 -2.94
CA THR A 48 -13.38 -21.08 -2.82
C THR A 48 -13.53 -20.29 -4.10
N ALA A 49 -14.70 -19.68 -4.26
CA ALA A 49 -15.14 -19.04 -5.50
C ALA A 49 -14.19 -17.96 -5.99
N GLY A 50 -13.61 -17.23 -5.05
CA GLY A 50 -12.71 -16.13 -5.38
C GLY A 50 -11.50 -16.57 -6.18
N CYS A 51 -11.07 -17.81 -5.99
CA CYS A 51 -9.89 -18.35 -6.68
C CYS A 51 -10.15 -18.66 -8.15
N LEU A 52 -11.43 -18.76 -8.53
CA LEU A 52 -11.84 -19.16 -9.87
C LEU A 52 -11.16 -18.39 -11.00
N THR A 53 -10.99 -17.07 -10.86
CA THR A 53 -10.44 -16.22 -11.92
C THR A 53 -8.96 -15.86 -11.72
N LYS A 54 -8.31 -16.42 -10.70
CA LYS A 54 -6.95 -16.00 -10.35
C LYS A 54 -5.87 -16.90 -10.96
N HIS A 55 -4.67 -16.35 -11.07
CA HIS A 55 -3.48 -17.16 -11.35
C HIS A 55 -3.19 -17.94 -10.08
N LEU A 56 -3.18 -19.28 -10.18
CA LEU A 56 -3.04 -20.17 -9.03
C LEU A 56 -1.66 -20.82 -8.98
N TYR A 57 -1.10 -20.94 -7.77
CA TYR A 57 0.22 -21.55 -7.57
C TYR A 57 0.14 -23.07 -7.46
N ASP A 58 1.00 -23.75 -8.24
CA ASP A 58 1.04 -25.20 -8.27
C ASP A 58 2.41 -25.68 -7.84
N SER A 59 2.54 -26.00 -6.57
CA SER A 59 3.78 -26.48 -6.00
C SER A 59 4.31 -27.76 -6.68
N SER A 60 3.42 -28.61 -7.19
CA SER A 60 3.82 -29.85 -7.88
C SER A 60 4.64 -29.59 -9.15
N LYS A 61 4.50 -28.39 -9.75
CA LYS A 61 5.21 -28.04 -10.99
C LYS A 61 6.51 -27.29 -10.80
N SER A 62 6.88 -27.03 -9.54
CA SER A 62 8.12 -26.33 -9.22
C SER A 62 9.09 -27.27 -8.50
N ARG A 63 10.24 -27.52 -9.13
CA ARG A 63 11.31 -28.34 -8.51
C ARG A 63 12.01 -27.63 -7.33
N THR A 64 11.85 -26.30 -7.19
CA THR A 64 12.41 -25.57 -6.05
C THR A 64 11.45 -25.45 -4.86
N TYR A 65 10.22 -25.91 -5.02
CA TYR A 65 9.29 -25.99 -3.91
C TYR A 65 9.80 -26.81 -2.73
N GLU A 66 9.74 -26.24 -1.53
CA GLU A 66 10.05 -26.98 -0.31
C GLU A 66 8.79 -26.98 0.55
N LYS A 67 8.28 -28.18 0.80
CA LYS A 67 7.09 -28.35 1.62
C LYS A 67 7.29 -27.77 3.02
N ASP A 68 6.28 -27.07 3.54
CA ASP A 68 6.28 -26.67 4.97
C ASP A 68 4.98 -27.21 5.56
N GLY A 69 3.85 -26.60 5.23
CA GLY A 69 2.53 -27.15 5.62
C GLY A 69 1.95 -26.59 6.89
N THR A 70 2.72 -25.78 7.62
CA THR A 70 2.25 -25.16 8.87
C THR A 70 1.05 -24.29 8.56
N LYS A 71 -0.04 -24.48 9.30
CA LYS A 71 -1.29 -23.79 9.00
C LYS A 71 -1.18 -22.34 9.44
N VAL A 72 -1.81 -21.47 8.70
CA VAL A 72 -1.73 -20.06 8.99
C VAL A 72 -2.96 -19.32 8.45
N GLU A 73 -3.29 -18.23 9.12
CA GLU A 73 -4.37 -17.33 8.75
C GLU A 73 -3.84 -15.91 8.79
N MET A 74 -4.12 -15.11 7.75
CA MET A 74 -3.79 -13.67 7.71
C MET A 74 -5.06 -12.90 7.94
N ASN A 75 -5.13 -12.16 9.03
CA ASN A 75 -6.31 -11.37 9.34
C ASN A 75 -6.07 -9.91 8.98
N TYR A 76 -6.52 -9.48 7.81
CA TYR A 76 -6.46 -8.05 7.46
C TYR A 76 -7.72 -7.29 7.88
N VAL A 77 -7.63 -5.96 7.87
CA VAL A 77 -8.81 -5.17 8.17
C VAL A 77 -9.94 -5.37 7.16
N SER A 78 -9.57 -5.76 5.94
CA SER A 78 -10.54 -6.00 4.88
CA SER A 78 -10.50 -6.01 4.84
C SER A 78 -10.95 -7.48 4.79
N GLY A 79 -10.44 -8.31 5.68
CA GLY A 79 -10.84 -9.71 5.73
C GLY A 79 -9.68 -10.67 5.94
N THR A 80 -10.01 -11.96 5.94
CA THR A 80 -9.07 -13.00 6.27
C THR A 80 -8.82 -13.95 5.08
N VAL A 81 -7.57 -14.37 4.90
CA VAL A 81 -7.25 -15.50 4.04
C VAL A 81 -6.52 -16.54 4.88
N SER A 82 -6.71 -17.81 4.56
CA SER A 82 -6.01 -18.88 5.29
C SER A 82 -5.44 -19.91 4.36
N GLY A 83 -4.44 -20.59 4.88
CA GLY A 83 -3.79 -21.66 4.14
C GLY A 83 -2.67 -22.22 4.96
N PHE A 84 -1.51 -22.40 4.32
CA PHE A 84 -0.37 -23.01 4.95
C PHE A 84 0.89 -22.46 4.34
N PHE A 85 1.99 -22.53 5.08
CA PHE A 85 3.28 -22.06 4.59
C PHE A 85 3.89 -22.99 3.55
N SER A 86 4.63 -22.39 2.65
CA SER A 86 5.40 -23.10 1.65
C SER A 86 6.64 -22.28 1.42
N LYS A 87 7.66 -22.90 0.84
CA LYS A 87 8.87 -22.17 0.47
C LYS A 87 9.20 -22.51 -0.98
N ASP A 88 9.60 -21.49 -1.72
CA ASP A 88 9.95 -21.65 -3.12
C ASP A 88 10.73 -20.40 -3.51
N LEU A 89 11.29 -20.39 -4.71
CA LEU A 89 12.04 -19.27 -5.24
C LEU A 89 11.03 -18.19 -5.66
N VAL A 90 11.23 -16.98 -5.14
CA VAL A 90 10.39 -15.82 -5.46
C VAL A 90 11.28 -14.86 -6.25
N THR A 91 10.80 -14.46 -7.40
CA THR A 91 11.50 -13.57 -8.29
C THR A 91 10.73 -12.28 -8.31
N VAL A 92 11.40 -11.20 -7.93
CA VAL A 92 10.84 -9.85 -8.02
C VAL A 92 11.75 -9.07 -8.99
N GLY A 93 11.16 -8.63 -10.09
CA GLY A 93 11.93 -8.07 -11.23
C GLY A 93 13.01 -9.02 -11.67
N ASN A 94 14.26 -8.56 -11.61
CA ASN A 94 15.42 -9.37 -12.02
C ASN A 94 16.19 -9.96 -10.83
N LEU A 95 15.58 -10.01 -9.64
CA LEU A 95 16.22 -10.60 -8.46
C LEU A 95 15.36 -11.72 -7.89
N SER A 96 16.02 -12.82 -7.50
CA SER A 96 15.33 -13.98 -6.94
C SER A 96 15.93 -14.38 -5.60
N LEU A 97 15.11 -15.05 -4.78
CA LEU A 97 15.57 -15.66 -3.53
C LEU A 97 14.59 -16.74 -3.07
N PRO A 98 15.11 -17.81 -2.43
CA PRO A 98 14.24 -18.76 -1.74
C PRO A 98 13.50 -18.00 -0.65
N TYR A 99 12.21 -18.22 -0.52
CA TYR A 99 11.41 -17.37 0.36
C TYR A 99 10.20 -18.12 0.88
N LYS A 100 9.92 -17.91 2.15
CA LYS A 100 8.75 -18.47 2.80
C LYS A 100 7.52 -17.60 2.53
N PHE A 101 6.44 -18.24 2.12
CA PHE A 101 5.20 -17.55 1.79
C PHE A 101 4.03 -18.46 2.16
N ILE A 102 2.84 -17.90 2.09
CA ILE A 102 1.61 -18.61 2.42
C ILE A 102 0.92 -19.03 1.14
N GLU A 103 0.60 -20.33 1.04
CA GLU A 103 -0.29 -20.84 0.02
C GLU A 103 -1.70 -20.74 0.53
N VAL A 104 -2.51 -19.89 -0.09
CA VAL A 104 -3.87 -19.62 0.38
C VAL A 104 -4.85 -20.61 -0.27
N ILE A 105 -5.66 -21.29 0.56
CA ILE A 105 -6.69 -22.19 0.07
C ILE A 105 -8.15 -21.75 0.35
N ASP A 106 -8.35 -20.71 1.15
CA ASP A 106 -9.69 -20.21 1.49
C ASP A 106 -9.65 -18.67 1.51
N THR A 107 -10.44 -18.08 0.63
CA THR A 107 -10.49 -16.64 0.43
C THR A 107 -11.88 -16.11 0.74
N ASN A 108 -12.75 -16.94 1.31
CA ASN A 108 -14.13 -16.51 1.57
C ASN A 108 -14.25 -15.39 2.58
N GLY A 109 -13.36 -15.36 3.57
CA GLY A 109 -13.27 -14.26 4.50
C GLY A 109 -12.72 -12.95 3.93
N PHE A 110 -12.27 -12.94 2.67
CA PHE A 110 -11.70 -11.75 2.04
C PHE A 110 -12.59 -11.28 0.89
N GLU A 111 -13.88 -11.58 0.99
CA GLU A 111 -14.89 -11.09 0.06
C GLU A 111 -15.63 -9.92 0.69
N PRO A 112 -16.06 -8.94 -0.09
CA PRO A 112 -16.03 -8.98 -1.55
C PRO A 112 -14.77 -8.37 -2.18
N THR A 113 -13.77 -7.99 -1.37
CA THR A 113 -12.53 -7.39 -1.92
C THR A 113 -11.89 -8.28 -3.01
N TYR A 114 -11.75 -9.56 -2.73
CA TYR A 114 -10.92 -10.44 -3.57
C TYR A 114 -11.51 -10.67 -4.96
N THR A 115 -12.80 -10.97 -5.02
CA THR A 115 -13.50 -11.19 -6.29
C THR A 115 -13.73 -9.89 -7.09
N ALA A 116 -13.79 -8.75 -6.41
CA ALA A 116 -14.01 -7.44 -7.06
C ALA A 116 -12.77 -6.81 -7.74
N SER A 117 -11.59 -7.36 -7.43
CA SER A 117 -10.31 -6.80 -7.84
CA SER A 117 -10.33 -6.79 -7.91
C SER A 117 -9.56 -7.86 -8.67
N THR A 118 -8.54 -7.44 -9.42
CA THR A 118 -7.79 -8.36 -10.28
C THR A 118 -6.41 -8.84 -9.78
N PHE A 119 -6.09 -8.61 -8.51
CA PHE A 119 -4.86 -9.12 -7.94
C PHE A 119 -5.02 -10.58 -7.52
N ASP A 120 -3.92 -11.29 -7.53
CA ASP A 120 -3.87 -12.67 -7.10
C ASP A 120 -3.53 -12.77 -5.62
N GLY A 121 -2.55 -11.98 -5.17
CA GLY A 121 -2.08 -12.07 -3.78
C GLY A 121 -1.56 -10.74 -3.24
N ILE A 122 -0.96 -10.80 -2.05
CA ILE A 122 -0.42 -9.62 -1.41
C ILE A 122 1.03 -9.91 -1.12
N LEU A 123 1.85 -8.94 -1.41
CA LEU A 123 3.26 -8.96 -1.18
C LEU A 123 3.54 -7.85 -0.15
N GLY A 124 3.88 -8.27 1.06
CA GLY A 124 4.15 -7.36 2.16
C GLY A 124 5.53 -6.74 2.06
N LEU A 125 5.62 -5.48 2.42
CA LEU A 125 6.90 -4.73 2.39
C LEU A 125 7.07 -4.06 3.75
N GLY A 126 6.70 -4.78 4.79
CA GLY A 126 6.81 -4.30 6.15
C GLY A 126 8.06 -4.77 6.87
N TRP A 127 7.99 -4.72 8.20
CA TRP A 127 9.07 -5.14 9.07
C TRP A 127 8.89 -6.57 9.57
N LYS A 128 10.02 -7.24 9.78
CA LYS A 128 10.04 -8.65 10.17
C LYS A 128 9.10 -8.96 11.33
N ASP A 129 9.10 -8.14 12.37
CA ASP A 129 8.31 -8.48 13.59
C ASP A 129 6.79 -8.31 13.43
N LEU A 130 6.36 -7.75 12.30
CA LEU A 130 4.95 -7.74 11.90
C LEU A 130 4.56 -9.01 11.11
N SER A 131 5.53 -9.82 10.67
CA SER A 131 5.19 -10.99 9.89
C SER A 131 4.71 -12.09 10.83
N ILE A 132 3.94 -13.02 10.29
CA ILE A 132 3.72 -14.31 10.90
C ILE A 132 4.79 -15.25 10.37
N GLY A 133 5.35 -16.08 11.26
CA GLY A 133 6.36 -17.08 10.87
C GLY A 133 7.75 -16.51 10.73
N SER A 134 7.99 -15.36 11.37
CA SER A 134 9.33 -14.73 11.43
C SER A 134 10.05 -14.72 10.05
N VAL A 135 9.48 -14.00 9.11
CA VAL A 135 9.99 -13.98 7.73
C VAL A 135 10.78 -12.67 7.55
N ASP A 136 12.06 -12.79 7.22
CA ASP A 136 12.85 -11.59 6.93
C ASP A 136 12.23 -10.91 5.71
N PRO A 137 12.10 -9.57 5.73
CA PRO A 137 11.53 -8.91 4.57
C PRO A 137 12.37 -9.16 3.30
N ILE A 138 11.71 -9.24 2.16
CA ILE A 138 12.37 -9.47 0.87
C ILE A 138 13.57 -8.54 0.70
N VAL A 139 13.33 -7.25 0.93
CA VAL A 139 14.40 -6.25 0.64
C VAL A 139 15.59 -6.41 1.59
N VAL A 140 15.30 -6.71 2.85
CA VAL A 140 16.34 -6.94 3.86
C VAL A 140 17.19 -8.16 3.44
N GLU A 141 16.52 -9.21 2.97
CA GLU A 141 17.19 -10.43 2.51
C GLU A 141 18.04 -10.23 1.29
N LEU A 142 17.53 -9.47 0.33
CA LEU A 142 18.28 -9.17 -0.88
C LEU A 142 19.55 -8.38 -0.58
N LYS A 143 19.44 -7.41 0.32
CA LYS A 143 20.61 -6.69 0.79
C LYS A 143 21.57 -7.65 1.49
N ASN A 144 21.07 -8.43 2.45
CA ASN A 144 21.89 -9.43 3.15
C ASN A 144 22.66 -10.37 2.22
N GLN A 145 22.01 -10.74 1.11
CA GLN A 145 22.62 -11.56 0.08
C GLN A 145 23.48 -10.79 -0.93
N ASN A 146 23.64 -9.48 -0.72
CA ASN A 146 24.41 -8.61 -1.59
C ASN A 146 23.90 -8.55 -3.03
N LYS A 147 22.59 -8.70 -3.20
CA LYS A 147 21.98 -8.60 -4.52
C LYS A 147 21.60 -7.15 -4.86
N ILE A 148 21.63 -6.27 -3.85
CA ILE A 148 21.33 -4.84 -4.00
C ILE A 148 22.34 -4.04 -3.16
N GLU A 149 22.35 -2.71 -3.49
CA GLU A 149 23.24 -1.75 -2.78
C GLU A 149 22.77 -1.41 -1.34
N ASN A 150 21.47 -1.14 -1.18
CA ASN A 150 20.90 -0.66 0.09
C ASN A 150 19.63 -1.43 0.47
N ALA A 151 19.32 -1.55 1.76
CA ALA A 151 18.06 -2.17 2.22
C ALA A 151 16.98 -1.11 2.29
N LEU A 152 16.58 -0.66 1.11
CA LEU A 152 15.57 0.34 0.95
C LEU A 152 14.77 0.03 -0.33
N PHE A 153 13.55 0.51 -0.39
CA PHE A 153 12.77 0.50 -1.59
C PHE A 153 12.02 1.81 -1.73
N THR A 154 11.61 2.13 -2.95
CA THR A 154 10.91 3.39 -3.24
C THR A 154 9.64 3.13 -4.06
N PHE A 155 8.66 4.01 -3.90
CA PHE A 155 7.43 3.95 -4.66
C PHE A 155 7.22 5.22 -5.46
N TYR A 156 7.08 5.04 -6.77
CA TYR A 156 6.71 6.11 -7.69
C TYR A 156 5.43 5.58 -8.30
N LEU A 157 4.28 6.05 -7.78
CA LEU A 157 3.00 5.44 -8.14
C LEU A 157 2.55 5.84 -9.52
N PRO A 158 1.84 4.93 -10.22
CA PRO A 158 1.29 5.30 -11.52
C PRO A 158 0.23 6.38 -11.34
N VAL A 159 -0.12 7.07 -12.41
CA VAL A 159 -1.17 8.06 -12.38
C VAL A 159 -2.09 7.68 -13.54
N HIS A 160 -3.32 7.27 -13.19
CA HIS A 160 -4.37 6.96 -14.16
C HIS A 160 -4.35 7.96 -15.32
N ASP A 161 -4.21 7.43 -16.55
CA ASP A 161 -4.24 8.23 -17.78
C ASP A 161 -3.06 9.24 -17.93
N LYS A 162 -1.92 8.95 -17.31
CA LYS A 162 -0.72 9.78 -17.51
C LYS A 162 0.57 8.96 -17.58
N HIS A 163 0.84 8.08 -16.60
CA HIS A 163 2.05 7.24 -16.63
C HIS A 163 1.99 6.03 -15.70
N THR A 164 2.78 5.00 -16.01
CA THR A 164 2.94 3.84 -15.10
C THR A 164 3.86 4.24 -13.94
N GLY A 165 4.01 3.36 -12.97
CA GLY A 165 4.83 3.63 -11.82
C GLY A 165 5.89 2.55 -11.68
N PHE A 166 6.69 2.66 -10.64
CA PHE A 166 7.68 1.67 -10.30
C PHE A 166 7.85 1.51 -8.81
N LEU A 167 8.01 0.26 -8.39
CA LEU A 167 8.63 -0.10 -7.11
C LEU A 167 10.09 -0.35 -7.46
N THR A 168 10.99 0.42 -6.84
CA THR A 168 12.43 0.27 -7.07
C THR A 168 13.03 -0.27 -5.79
N ILE A 169 13.71 -1.40 -5.91
CA ILE A 169 14.39 -2.03 -4.78
C ILE A 169 15.89 -1.72 -4.90
N GLY A 170 16.45 -1.17 -3.83
CA GLY A 170 17.90 -1.14 -3.66
C GLY A 170 18.57 0.23 -3.75
N GLY A 171 17.85 1.23 -4.26
CA GLY A 171 18.40 2.59 -4.28
C GLY A 171 17.39 3.62 -4.77
N ILE A 172 17.73 4.88 -4.60
CA ILE A 172 16.88 6.03 -4.90
C ILE A 172 17.27 6.57 -6.25
N GLU A 173 16.30 6.70 -7.15
CA GLU A 173 16.55 7.22 -8.48
C GLU A 173 15.97 8.62 -8.55
N GLU A 174 16.83 9.55 -8.90
CA GLU A 174 16.52 10.95 -9.07
C GLU A 174 15.31 11.19 -9.98
N ARG A 175 15.27 10.40 -11.08
CA ARG A 175 14.27 10.53 -12.15
C ARG A 175 12.83 10.50 -11.63
N PHE A 176 12.63 9.96 -10.44
CA PHE A 176 11.29 9.89 -9.85
C PHE A 176 10.79 11.12 -9.10
N TYR A 177 11.67 12.05 -8.73
CA TYR A 177 11.24 13.15 -7.87
C TYR A 177 11.84 14.49 -8.23
N GLU A 178 11.21 15.54 -7.71
CA GLU A 178 11.65 16.90 -7.88
C GLU A 178 11.58 17.65 -6.57
N GLY A 179 12.41 18.69 -6.45
CA GLY A 179 12.63 19.38 -5.18
C GLY A 179 13.27 18.44 -4.13
N PRO A 180 13.27 18.89 -2.86
CA PRO A 180 14.04 18.19 -1.83
C PRO A 180 13.42 16.88 -1.41
N LEU A 181 14.29 15.94 -1.05
CA LEU A 181 13.90 14.69 -0.48
C LEU A 181 14.18 14.86 1.00
N THR A 182 13.14 14.68 1.82
CA THR A 182 13.20 14.93 3.25
C THR A 182 12.94 13.63 3.97
N TYR A 183 13.84 13.31 4.90
CA TYR A 183 13.81 12.04 5.65
CA TYR A 183 13.78 12.06 5.65
C TYR A 183 13.09 12.27 6.98
N GLU A 184 12.14 11.40 7.31
CA GLU A 184 11.36 11.48 8.54
C GLU A 184 11.62 10.18 9.28
N LYS A 185 12.06 10.29 10.52
CA LYS A 185 12.53 9.17 11.28
C LYS A 185 11.33 8.35 11.69
N LEU A 186 11.45 7.02 11.69
CA LEU A 186 10.35 6.17 12.22
C LEU A 186 10.19 6.40 13.73
N ASN A 187 8.95 6.47 14.18
CA ASN A 187 8.63 6.61 15.60
C ASN A 187 8.19 5.29 16.22
N HIS A 188 8.30 4.21 15.46
CA HIS A 188 7.94 2.88 15.94
C HIS A 188 8.95 1.87 15.39
N ASP A 189 9.19 0.80 16.14
CA ASP A 189 10.14 -0.25 15.76
C ASP A 189 9.74 -1.03 14.51
N LEU A 190 8.45 -1.17 14.22
CA LEU A 190 8.00 -2.09 13.19
C LEU A 190 6.83 -1.61 12.29
N TYR A 191 6.57 -0.31 12.21
CA TYR A 191 5.64 0.24 11.23
C TYR A 191 6.35 1.35 10.53
N TRP A 192 5.98 1.59 9.29
CA TRP A 192 6.41 2.75 8.57
C TRP A 192 5.56 3.94 9.03
N GLN A 193 5.83 4.38 10.24
CA GLN A 193 5.05 5.38 10.94
C GLN A 193 5.98 6.50 11.41
N ILE A 194 5.57 7.73 11.18
CA ILE A 194 6.35 8.93 11.47
C ILE A 194 5.48 9.93 12.22
N THR A 195 6.10 10.90 12.88
CA THR A 195 5.39 11.88 13.63
C THR A 195 5.31 13.16 12.79
N LEU A 196 4.08 13.67 12.65
CA LEU A 196 3.83 14.90 11.90
C LEU A 196 2.68 15.65 12.60
N ASP A 197 2.77 16.97 12.63
CA ASP A 197 1.63 17.78 13.04
C ASP A 197 0.67 17.79 11.87
N ALA A 198 -0.62 17.59 12.15
CA ALA A 198 -1.64 17.48 11.12
C ALA A 198 -2.58 18.69 11.21
N HIS A 199 -2.65 19.46 10.14
CA HIS A 199 -3.53 20.64 10.03
C HIS A 199 -4.50 20.50 8.90
N VAL A 200 -5.77 20.69 9.19
CA VAL A 200 -6.80 20.72 8.17
C VAL A 200 -7.63 21.95 8.54
N GLY A 201 -7.38 23.08 7.87
CA GLY A 201 -8.03 24.36 8.24
C GLY A 201 -7.66 24.74 9.66
N ASN A 202 -8.68 25.01 10.48
CA ASN A 202 -8.51 25.39 11.89
C ASN A 202 -8.38 24.21 12.85
N ILE A 203 -8.47 22.99 12.32
CA ILE A 203 -8.51 21.78 13.09
C ILE A 203 -7.07 21.28 13.02
N MET A 204 -6.46 20.94 14.14
CA MET A 204 -5.13 20.33 14.09
C MET A 204 -4.85 19.36 15.23
N LEU A 205 -4.04 18.35 14.90
CA LEU A 205 -3.50 17.44 15.88
C LEU A 205 -1.99 17.55 15.86
N GLU A 206 -1.45 17.83 17.03
CA GLU A 206 -0.02 17.97 17.20
C GLU A 206 0.63 16.60 17.31
N LYS A 207 1.77 16.43 16.63
CA LYS A 207 2.59 15.23 16.75
C LYS A 207 1.77 13.93 16.59
N ALA A 208 0.99 13.90 15.52
CA ALA A 208 0.14 12.76 15.19
C ALA A 208 1.00 11.63 14.66
N ASN A 209 0.61 10.39 14.94
CA ASN A 209 1.16 9.24 14.24
C ASN A 209 0.64 9.19 12.81
N CYS A 210 1.55 9.10 11.83
CA CYS A 210 1.19 9.03 10.43
C CYS A 210 1.86 7.82 9.80
N ILE A 211 1.04 6.93 9.28
CA ILE A 211 1.48 5.69 8.71
C ILE A 211 1.45 5.85 7.20
N VAL A 212 2.61 5.74 6.55
CA VAL A 212 2.63 5.78 5.09
C VAL A 212 2.34 4.34 4.65
N ASP A 213 1.22 4.12 3.97
CA ASP A 213 0.77 2.77 3.68
C ASP A 213 0.36 2.61 2.23
N SER A 214 1.09 1.78 1.49
CA SER A 214 0.82 1.62 0.06
C SER A 214 -0.45 0.83 -0.28
N GLY A 215 -0.92 0.01 0.66
CA GLY A 215 -2.09 -0.86 0.44
C GLY A 215 -3.44 -0.29 0.81
N THR A 216 -3.46 0.92 1.32
CA THR A 216 -4.66 1.61 1.78
C THR A 216 -5.04 2.69 0.77
N SER A 217 -6.21 2.56 0.14
N SER A 217 -6.19 2.54 0.11
CA SER A 217 -6.63 3.49 -0.90
CA SER A 217 -6.60 3.52 -0.91
C SER A 217 -7.45 4.65 -0.37
C SER A 217 -7.50 4.58 -0.31
N ALA A 218 -6.98 5.28 0.68
CA ALA A 218 -7.65 6.43 1.31
C ALA A 218 -6.62 7.11 2.18
N ILE A 219 -6.96 8.32 2.60
CA ILE A 219 -6.38 8.94 3.75
C ILE A 219 -7.32 8.55 4.89
N THR A 220 -6.80 7.99 5.97
CA THR A 220 -7.62 7.78 7.17
C THR A 220 -7.32 8.88 8.21
N VAL A 221 -8.38 9.27 8.91
N VAL A 221 -8.38 9.35 8.86
CA VAL A 221 -8.41 10.39 9.83
CA VAL A 221 -8.27 10.37 9.88
C VAL A 221 -9.06 9.89 11.12
C VAL A 221 -9.08 9.97 11.11
N PRO A 222 -8.63 10.39 12.30
CA PRO A 222 -9.37 10.08 13.53
C PRO A 222 -10.84 10.56 13.45
N THR A 223 -11.76 9.80 14.04
CA THR A 223 -13.18 10.03 13.80
C THR A 223 -13.66 11.38 14.31
N ASP A 224 -13.14 11.81 15.47
CA ASP A 224 -13.51 13.13 16.01
C ASP A 224 -13.02 14.26 15.11
N PHE A 225 -11.78 14.12 14.66
CA PHE A 225 -11.16 15.03 13.70
C PHE A 225 -11.99 15.11 12.40
N LEU A 226 -12.37 13.95 11.85
CA LEU A 226 -13.21 13.93 10.67
C LEU A 226 -14.55 14.60 10.90
N ASN A 227 -15.20 14.30 12.01
CA ASN A 227 -16.50 14.86 12.29
C ASN A 227 -16.42 16.41 12.34
N LYS A 228 -15.33 16.94 12.92
CA LYS A 228 -15.12 18.39 12.93
C LYS A 228 -14.88 18.90 11.53
N MET A 229 -14.10 18.17 10.72
CA MET A 229 -13.79 18.56 9.35
C MET A 229 -15.04 18.68 8.53
N LEU A 230 -15.99 17.76 8.73
CA LEU A 230 -17.21 17.68 7.95
C LEU A 230 -18.33 18.64 8.32
N GLN A 231 -18.20 19.29 9.48
CA GLN A 231 -19.21 20.17 9.96
C GLN A 231 -19.36 21.33 8.96
N ASN A 232 -20.58 21.54 8.50
CA ASN A 232 -20.94 22.52 7.46
C ASN A 232 -20.07 22.48 6.18
N LEU A 233 -19.66 21.27 5.78
CA LEU A 233 -18.79 21.09 4.62
C LEU A 233 -19.61 20.82 3.33
N ASP A 234 -20.94 20.64 3.46
CA ASP A 234 -21.81 20.35 2.31
C ASP A 234 -21.46 19.05 1.59
N VAL A 235 -21.13 18.05 2.40
CA VAL A 235 -20.80 16.73 1.97
C VAL A 235 -21.91 15.81 2.52
N ILE A 236 -22.20 14.69 1.84
CA ILE A 236 -23.27 13.77 2.22
C ILE A 236 -22.70 12.37 2.29
N LYS A 237 -22.96 11.69 3.41
CA LYS A 237 -22.57 10.30 3.56
C LYS A 237 -23.45 9.36 2.76
N VAL A 238 -22.83 8.38 2.13
CA VAL A 238 -23.55 7.35 1.42
C VAL A 238 -24.30 6.46 2.45
N PRO A 239 -25.58 6.19 2.22
CA PRO A 239 -26.28 5.25 3.09
C PRO A 239 -25.53 3.92 3.25
N PHE A 240 -25.32 3.53 4.51
CA PHE A 240 -24.75 2.26 4.92
C PHE A 240 -23.26 2.12 4.76
N LEU A 241 -22.55 3.15 4.30
CA LEU A 241 -21.14 3.01 3.99
C LEU A 241 -20.40 4.25 4.51
N PRO A 242 -19.15 4.09 4.91
CA PRO A 242 -18.43 5.23 5.51
C PRO A 242 -17.79 6.17 4.48
N PHE A 243 -18.45 6.42 3.37
CA PHE A 243 -17.93 7.27 2.30
C PHE A 243 -18.80 8.50 2.14
N TYR A 244 -18.17 9.62 1.79
CA TYR A 244 -18.84 10.90 1.63
C TYR A 244 -18.74 11.36 0.18
N VAL A 245 -19.83 11.97 -0.29
CA VAL A 245 -19.97 12.44 -1.63
C VAL A 245 -20.01 13.96 -1.58
N THR A 246 -19.50 14.58 -2.62
CA THR A 246 -19.43 16.02 -2.68
C THR A 246 -19.55 16.47 -4.10
N LEU A 247 -19.99 17.71 -4.31
CA LEU A 247 -19.69 18.33 -5.58
C LEU A 247 -18.17 18.40 -5.70
N CYS A 248 -17.63 18.05 -6.88
CA CYS A 248 -16.19 18.10 -7.12
C CYS A 248 -15.62 19.49 -6.92
N ASN A 249 -16.35 20.54 -7.26
CA ASN A 249 -15.83 21.90 -7.11
C ASN A 249 -16.19 22.60 -5.77
N ASN A 250 -16.67 21.84 -4.80
CA ASN A 250 -17.03 22.34 -3.47
C ASN A 250 -15.89 23.18 -2.89
N SER A 251 -16.11 24.48 -2.79
CA SER A 251 -15.03 25.40 -2.42
CA SER A 251 -15.12 25.48 -2.39
C SER A 251 -14.63 25.30 -0.96
N LYS A 252 -15.40 24.59 -0.14
CA LYS A 252 -15.02 24.32 1.23
C LYS A 252 -14.01 23.18 1.42
N LEU A 253 -13.82 22.31 0.44
CA LEU A 253 -12.94 21.16 0.65
C LEU A 253 -11.52 21.64 1.04
N PRO A 254 -11.01 21.14 2.19
CA PRO A 254 -9.77 21.67 2.70
C PRO A 254 -8.50 20.95 2.17
N THR A 255 -7.35 21.52 2.51
CA THR A 255 -6.05 20.98 2.11
C THR A 255 -5.43 20.41 3.38
N PHE A 256 -5.03 19.15 3.37
CA PHE A 256 -4.30 18.58 4.49
C PHE A 256 -2.91 19.20 4.44
N GLU A 257 -2.41 19.63 5.59
CA GLU A 257 -1.03 20.03 5.73
C GLU A 257 -0.41 19.25 6.88
N PHE A 258 0.66 18.53 6.56
CA PHE A 258 1.41 17.76 7.53
C PHE A 258 2.80 18.34 7.63
N THR A 259 3.22 18.68 8.84
CA THR A 259 4.54 19.28 9.06
C THR A 259 5.41 18.57 10.10
N SER A 260 6.71 18.60 9.83
CA SER A 260 7.75 18.16 10.74
C SER A 260 8.72 19.33 10.87
N GLU A 261 9.69 19.15 11.75
CA GLU A 261 10.83 20.08 11.83
C GLU A 261 11.55 20.16 10.49
N ASN A 262 11.52 19.07 9.73
CA ASN A 262 12.25 18.91 8.47
C ASN A 262 11.49 19.40 7.23
N GLY A 263 10.18 19.18 7.19
CA GLY A 263 9.43 19.22 5.94
C GLY A 263 7.95 19.56 6.08
N LYS A 264 7.34 19.89 4.96
CA LYS A 264 5.93 20.23 4.89
C LYS A 264 5.36 19.54 3.66
N TYR A 265 4.27 18.80 3.89
CA TYR A 265 3.62 17.99 2.87
C TYR A 265 2.18 18.39 2.86
N THR A 266 1.64 18.67 1.68
CA THR A 266 0.24 19.06 1.56
C THR A 266 -0.53 18.12 0.65
N LEU A 267 -1.82 18.00 0.94
CA LEU A 267 -2.70 17.23 0.11
C LEU A 267 -4.01 17.97 -0.20
N GLU A 268 -4.07 18.49 -1.41
CA GLU A 268 -5.14 19.36 -1.87
C GLU A 268 -6.26 18.43 -2.31
N PRO A 269 -7.50 18.96 -2.45
CA PRO A 269 -8.64 18.12 -2.85
C PRO A 269 -8.46 17.35 -4.14
N GLU A 270 -7.74 17.90 -5.13
CA GLU A 270 -7.50 17.16 -6.38
C GLU A 270 -6.87 15.77 -6.14
N TYR A 271 -6.15 15.62 -5.03
CA TYR A 271 -5.47 14.37 -4.72
C TYR A 271 -6.33 13.38 -3.94
N TYR A 272 -7.39 13.85 -3.31
CA TYR A 272 -8.26 12.98 -2.55
C TYR A 272 -9.70 12.86 -3.05
N LEU A 273 -10.03 13.46 -4.18
CA LEU A 273 -11.31 13.25 -4.82
C LEU A 273 -11.24 12.20 -5.91
N GLN A 274 -12.24 11.33 -5.91
CA GLN A 274 -12.52 10.37 -6.97
C GLN A 274 -13.76 10.83 -7.71
N HIS A 275 -13.66 11.13 -9.00
CA HIS A 275 -14.84 11.42 -9.80
C HIS A 275 -15.77 10.20 -9.84
N ILE A 276 -17.07 10.44 -9.73
CA ILE A 276 -18.09 9.41 -9.86
C ILE A 276 -19.23 9.94 -10.74
N GLU A 277 -18.85 10.31 -11.97
CA GLU A 277 -19.77 10.90 -12.97
C GLU A 277 -20.98 10.01 -13.27
N ASP A 278 -20.76 8.70 -13.25
CA ASP A 278 -21.82 7.68 -13.35
C ASP A 278 -22.94 7.81 -12.29
N VAL A 279 -22.58 8.08 -11.03
CA VAL A 279 -23.56 8.26 -9.93
C VAL A 279 -24.26 9.62 -10.08
N GLY A 280 -23.50 10.63 -10.49
CA GLY A 280 -24.08 11.92 -10.78
C GLY A 280 -23.06 12.86 -11.41
N PRO A 281 -23.54 13.79 -12.26
CA PRO A 281 -22.63 14.69 -12.97
C PRO A 281 -22.02 15.74 -12.03
N GLY A 282 -20.69 15.90 -12.10
CA GLY A 282 -19.96 16.81 -11.21
C GLY A 282 -19.86 16.34 -9.74
N LEU A 283 -20.07 15.06 -9.48
CA LEU A 283 -19.96 14.50 -8.15
C LEU A 283 -18.69 13.71 -7.99
N CYS A 284 -18.13 13.78 -6.78
CA CYS A 284 -16.94 13.08 -6.39
C CYS A 284 -17.17 12.39 -5.04
N MET A 285 -16.40 11.34 -4.81
CA MET A 285 -16.28 10.73 -3.50
C MET A 285 -15.00 11.21 -2.86
N LEU A 286 -15.03 11.45 -1.54
CA LEU A 286 -13.80 11.74 -0.80
C LEU A 286 -13.08 10.44 -0.51
N ASN A 287 -11.80 10.35 -0.83
CA ASN A 287 -11.02 9.18 -0.46
C ASN A 287 -10.44 9.40 0.93
N ILE A 288 -11.34 9.50 1.90
CA ILE A 288 -11.00 9.87 3.27
C ILE A 288 -11.93 9.02 4.09
N ILE A 289 -11.40 8.32 5.06
CA ILE A 289 -12.28 7.56 5.92
C ILE A 289 -11.90 7.75 7.38
N GLY A 290 -12.92 7.81 8.23
CA GLY A 290 -12.72 7.91 9.67
C GLY A 290 -12.27 6.60 10.30
N LEU A 291 -11.23 6.65 11.10
CA LEU A 291 -10.70 5.45 11.71
C LEU A 291 -9.88 5.84 12.94
N ASP A 292 -10.22 5.21 14.06
CA ASP A 292 -9.58 5.46 15.33
C ASP A 292 -8.59 4.36 15.63
N PHE A 293 -7.38 4.79 15.95
CA PHE A 293 -6.38 3.96 16.54
C PHE A 293 -6.34 4.31 18.01
N PRO A 294 -5.68 3.50 18.84
CA PRO A 294 -5.51 3.86 20.26
C PRO A 294 -4.79 5.19 20.47
N VAL A 295 -3.73 5.44 19.70
CA VAL A 295 -3.10 6.75 19.63
C VAL A 295 -3.62 7.42 18.35
N PRO A 296 -3.97 8.73 18.42
CA PRO A 296 -4.48 9.40 17.21
C PRO A 296 -3.50 9.29 16.04
N THR A 297 -4.05 8.76 14.95
CA THR A 297 -3.26 8.30 13.81
C THR A 297 -3.97 8.68 12.51
N PHE A 298 -3.17 9.08 11.52
CA PHE A 298 -3.60 9.16 10.15
C PHE A 298 -2.90 8.08 9.32
N ILE A 299 -3.61 7.45 8.38
CA ILE A 299 -2.93 6.65 7.36
C ILE A 299 -2.78 7.54 6.14
N LEU A 300 -1.53 7.72 5.72
CA LEU A 300 -1.19 8.41 4.48
C LEU A 300 -1.07 7.33 3.41
N GLY A 301 -2.22 7.01 2.83
CA GLY A 301 -2.34 5.94 1.88
C GLY A 301 -2.04 6.36 0.45
N ASP A 302 -2.55 5.56 -0.48
CA ASP A 302 -2.43 5.75 -1.93
C ASP A 302 -2.54 7.25 -2.36
N PRO A 303 -3.57 8.00 -1.90
CA PRO A 303 -3.67 9.40 -2.34
C PRO A 303 -2.47 10.27 -2.01
N PHE A 304 -1.86 10.05 -0.86
CA PHE A 304 -0.66 10.74 -0.48
C PHE A 304 0.50 10.33 -1.38
N MET A 305 0.63 9.03 -1.59
CA MET A 305 1.72 8.47 -2.35
C MET A 305 1.62 8.75 -3.83
N ARG A 306 0.42 9.06 -4.34
CA ARG A 306 0.27 9.47 -5.73
C ARG A 306 0.97 10.82 -5.96
N LYS A 307 0.86 11.72 -4.97
CA LYS A 307 1.52 13.02 -5.03
C LYS A 307 2.98 12.98 -4.67
N TYR A 308 3.32 12.21 -3.64
CA TYR A 308 4.66 12.19 -3.10
C TYR A 308 5.40 10.88 -3.32
N PHE A 309 6.55 10.98 -3.97
CA PHE A 309 7.54 9.88 -4.05
C PHE A 309 7.97 9.52 -2.64
N THR A 310 8.11 8.23 -2.38
CA THR A 310 8.42 7.76 -1.05
C THR A 310 9.54 6.72 -1.06
N VAL A 311 10.39 6.84 -0.05
CA VAL A 311 11.58 6.00 0.15
C VAL A 311 11.40 5.31 1.50
N PHE A 312 11.46 3.99 1.50
CA PHE A 312 11.29 3.20 2.70
C PHE A 312 12.63 2.53 3.01
N ASP A 313 13.30 3.06 4.03
CA ASP A 313 14.70 2.71 4.31
C ASP A 313 14.77 1.94 5.61
N TYR A 314 15.03 0.65 5.49
CA TYR A 314 15.22 -0.20 6.66
C TYR A 314 16.47 0.13 7.48
N ASP A 315 17.61 0.31 6.80
CA ASP A 315 18.90 0.55 7.46
C ASP A 315 18.91 1.84 8.28
N ASN A 316 18.31 2.90 7.75
CA ASN A 316 18.25 4.19 8.41
C ASN A 316 16.93 4.45 9.16
N GLN A 317 16.01 3.49 9.10
CA GLN A 317 14.77 3.54 9.88
C GLN A 317 14.04 4.87 9.68
N SER A 318 13.80 5.19 8.42
CA SER A 318 13.13 6.41 8.08
C SER A 318 12.30 6.23 6.84
N VAL A 319 11.39 7.19 6.63
CA VAL A 319 10.69 7.32 5.37
C VAL A 319 11.17 8.62 4.73
N GLY A 320 11.52 8.55 3.45
CA GLY A 320 11.95 9.69 2.68
C GLY A 320 10.79 10.17 1.85
N ILE A 321 10.58 11.47 1.80
CA ILE A 321 9.43 12.02 1.06
C ILE A 321 9.83 13.17 0.17
N ALA A 322 9.39 13.10 -1.07
CA ALA A 322 9.62 14.18 -2.04
C ALA A 322 8.48 14.20 -3.03
N LEU A 323 8.27 15.38 -3.61
CA LEU A 323 7.28 15.56 -4.66
C LEU A 323 7.67 14.66 -5.85
N ALA A 324 6.70 13.85 -6.29
CA ALA A 324 6.87 12.94 -7.43
C ALA A 324 6.88 13.78 -8.71
N LYS A 325 7.77 13.47 -9.64
CA LYS A 325 7.72 14.11 -10.96
C LYS A 325 6.40 13.69 -11.59
N LYS A 326 5.72 14.63 -12.23
CA LYS A 326 4.46 14.35 -12.91
C LYS A 326 4.64 13.50 -14.17
N ASN A 327 5.85 13.47 -14.74
CA ASN A 327 6.17 12.68 -15.93
C ASN A 327 7.54 12.05 -15.77
N LEU A 328 7.73 10.86 -16.37
CA LEU A 328 9.07 10.31 -16.56
C LEU A 328 9.58 10.64 -17.97
C36 8VO B . -3.94 -0.97 9.29
C35 8VO B . -3.32 -5.34 9.62
C38 8VO B . -3.03 -6.84 9.50
C34 8VO B . -3.85 -4.76 8.32
C33 8VO B . -4.31 -0.89 7.82
C32 8VO B . -9.25 2.34 4.70
C31 8VO B . -8.43 1.23 5.31
C23 8VO B . -9.79 0.67 1.04
C24 8VO B . -9.44 1.03 2.43
C25 8VO B . -3.52 -3.00 4.17
C21 8VO B . -6.39 -4.76 0.54
C14 8VO B . -5.42 -3.30 2.50
C15 8VO B . -5.35 -4.71 1.66
C16 8VO B . -8.47 -1.11 2.01
S01 8VO B . -5.63 -5.89 2.86
S02 8VO B . -1.61 -7.13 8.43
O03 8VO B . -7.64 0.17 0.13
O04 8VO B . -7.55 -3.31 3.49
O05 8VO B . -1.49 -3.02 5.45
O06 8VO B . -3.19 -2.00 3.63
O07 8VO B . -4.77 -5.23 7.73
O08 8VO B . -3.28 -3.64 11.95
N09 8VO B . -4.67 -3.69 3.68
N10 8VO B . -7.16 -1.68 1.98
N11 8VO B . -3.18 -3.58 7.81
N12 8VO B . -4.33 -5.25 10.68
N13 8VO B . -7.34 1.07 14.25
C17 8VO B . -5.34 -5.15 4.14
C18 8VO B . -6.77 -2.82 2.75
C19 8VO B . -8.74 -0.40 0.64
C20 8VO B . -3.90 -4.83 1.13
C22 8VO B . -8.62 -0.06 3.03
C26 8VO B . -2.81 -3.49 5.41
C27 8VO B . -3.59 -2.91 6.60
C28 8VO B . -8.11 0.02 4.46
C29 8VO B . -9.76 2.26 3.27
C30 8VO B . -3.35 -1.40 6.78
C37 8VO B . -5.64 -0.31 7.40
C39 8VO B . -4.90 -0.48 10.34
C40 8VO B . -6.60 0.19 8.46
C41 8VO B . -6.22 0.10 9.92
C42 8VO B . -4.21 -4.37 11.82
C43 8VO B . -5.33 -4.40 12.88
C44 8VO B . -0.13 -6.77 9.41
C45 8VO B . -5.85 -3.01 13.22
C46 8VO B . -7.26 -2.62 12.83
C47 8VO B . -4.94 -2.04 13.96
C48 8VO B . -7.78 -1.22 13.17
C49 8VO B . -5.45 -0.66 14.31
C50 8VO B . -6.87 -0.25 13.91
C1 CPS C . -12.63 -1.90 2.56
C2 CPS C . -13.51 -0.91 3.34
C3 CPS C . -12.03 -1.18 5.48
C4 CPS C . -11.96 -1.34 7.01
C5 CPS C . -12.84 -0.33 7.74
C6 CPS C . -14.25 -0.45 7.14
C7 CPS C . -15.14 0.35 8.08
C8 CPS C . -14.52 0.10 9.45
C9 CPS C . -13.16 -0.58 9.22
C10 CPS C . -12.23 1.06 7.55
C11 CPS C . -13.02 0.47 2.96
C12 CPS C . -13.13 -3.35 2.60
C13 CPS C . -14.56 -3.50 2.09
C14 CPS C . -15.48 -2.52 2.82
C15 CPS C . -14.97 -1.07 2.85
C16 CPS C . -15.96 -0.20 3.64
C17 CPS C . -15.82 -0.30 5.16
C18 CPS C . -14.37 -0.19 5.65
C19 CPS C . -13.45 -1.15 4.87
C20 CPS C . -12.14 -0.15 10.30
C21 CPS C . -10.80 -0.87 10.14
C22 CPS C . -12.63 -0.32 11.76
C23 CPS C . -13.10 -1.74 11.99
C24 CPS C . -13.29 -2.15 13.42
C25 CPS C . -15.12 -3.19 14.76
C26 CPS C . -14.20 -3.91 15.74
C27 CPS C . -13.29 -4.99 15.12
C28 CPS C . -14.74 -6.93 15.02
C29 CPS C . -12.39 -7.19 14.97
C30 CPS C . -13.29 -6.49 17.07
C31 CPS C . -14.34 -7.24 17.90
C32 CPS C . -15.62 -6.45 18.20
N1 CPS C . -14.56 -2.26 13.78
N2 CPS C . -13.47 -6.40 15.58
O1 CPS C . -12.31 -2.51 14.05
O2 CPS C . -15.04 -4.84 2.30
O3 CPS C . -16.42 -1.53 5.56
O4 CPS C . -12.33 -2.69 7.32
O2S CPS C . -14.53 -4.46 19.46
O3S CPS C . -16.87 -4.93 19.83
O1S CPS C . -15.17 -6.42 20.71
S CPS C . -15.54 -5.54 19.58
C1 GOL D . 14.92 18.05 -9.84
O1 GOL D . 13.95 18.04 -10.89
C2 GOL D . 14.98 19.43 -9.20
O2 GOL D . 13.66 19.96 -9.04
C3 GOL D . 15.68 19.36 -7.85
O3 GOL D . 15.55 20.60 -7.13
C1 GOL E . -23.76 8.35 12.54
O1 GOL E . -24.84 9.25 12.80
C2 GOL E . -23.69 7.97 11.06
O2 GOL E . -23.30 6.61 10.90
C3 GOL E . -22.71 8.91 10.36
O3 GOL E . -21.37 8.41 10.39
C1 GOL F . 0.97 -32.43 -1.46
O1 GOL F . 0.51 -31.45 -2.39
C2 GOL F . 1.41 -31.73 -0.19
O2 GOL F . 1.39 -32.69 0.88
C3 GOL F . 2.81 -31.14 -0.28
O3 GOL F . 3.12 -30.67 -1.59
C1 GOL G . 0.05 -0.44 9.39
O1 GOL G . 1.32 0.08 9.82
C2 GOL G . -0.05 -1.87 9.90
O2 GOL G . -0.81 -2.65 8.96
C3 GOL G . -0.66 -1.86 11.32
O3 GOL G . -0.85 -3.20 11.82
#